data_5FPI
#
_entry.id   5FPI
#
_cell.length_a   125.650
_cell.length_b   125.650
_cell.length_c   74.410
_cell.angle_alpha   90.00
_cell.angle_beta   90.00
_cell.angle_gamma   120.00
#
_symmetry.space_group_name_H-M   'P 64'
#
loop_
_entity.id
_entity.type
_entity.pdbx_description
1 polymer 'AP-2 COMPLEX SUBUNIT MU'
2 polymer 'INTEGRIN ALPHA-4 SUBUNIT'
3 water water
#
loop_
_entity_poly.entity_id
_entity_poly.type
_entity_poly.pdbx_seq_one_letter_code
_entity_poly.pdbx_strand_id
1 'polypeptide(L)'
;MIGGLFIYNHKGEVLISRVYRDDIGRNAVDAFRVNVIHARQQVRSPVTNIARTSFFHVKRSNIWLAAVTKQNVNAAMVFE
FLYKMCDVMAAYFGKISEENIKNNFVLIYELLDEILDFGYPQNSETGALKTFITQQGIKSQHQTKEEQSQITSQVTGQIG
WRREGIKYRRNELFLDVLESVNLLMSPQGQVLSAHVSGRVVMKSYLSGMPECKFGMNDKIVIEKQGKGTADETSKSMEQK
LISEEDLGKQSIAIDDCTFHQCVRLSKFDSERSISFIPPDGEFELMRYRTTKDIILPFRVIPLVREVGRTKLEVKVVIKS
NFKPSLLAQKIEVRIPTPLNTSGVQVICMKGKAKYKASENAIVWKIKRMAGMKESQISAEIELLPTNDKKKWARPPISMN
FEVPFAPSGLKVRYLKVFEPKLNYSDHDVIKWVRYIGRSGIYETRC
;
A
2 'polypeptide(L)' QYKSILQE B
#
# COMPACT_ATOMS: atom_id res chain seq x y z
N ILE A 159 13.93 -3.07 32.36
CA ILE A 159 13.76 -3.01 30.86
C ILE A 159 14.26 -4.32 30.29
N GLY A 160 13.34 -5.23 30.02
CA GLY A 160 13.68 -6.62 29.76
C GLY A 160 13.73 -6.96 28.30
N TRP A 161 13.47 -5.93 27.47
CA TRP A 161 13.53 -5.99 25.98
C TRP A 161 14.86 -5.42 25.39
N ARG A 162 15.70 -4.78 26.22
CA ARG A 162 17.03 -4.32 25.83
C ARG A 162 18.12 -4.45 26.92
N ARG A 163 19.13 -5.28 26.63
CA ARG A 163 20.36 -5.36 27.47
C ARG A 163 21.11 -4.05 27.56
N GLU A 164 22.08 -3.98 28.46
CA GLU A 164 22.68 -2.70 28.84
C GLU A 164 24.08 -2.37 28.20
N GLY A 165 24.74 -3.40 27.65
CA GLY A 165 26.10 -3.20 27.07
C GLY A 165 26.36 -2.51 25.71
N ILE A 166 25.35 -1.99 25.06
CA ILE A 166 25.38 -1.90 23.59
C ILE A 166 26.13 -0.68 23.02
N LYS A 167 27.02 -1.00 22.06
CA LYS A 167 27.88 0.01 21.44
C LYS A 167 27.97 -0.23 19.94
N TYR A 168 27.90 0.86 19.16
CA TYR A 168 28.13 0.88 17.71
C TYR A 168 28.86 2.21 17.39
N ARG A 169 29.87 2.17 16.54
CA ARG A 169 30.46 3.41 16.01
C ARG A 169 29.49 4.06 15.07
N ARG A 170 28.85 3.24 14.26
CA ARG A 170 27.90 3.72 13.29
C ARG A 170 26.47 3.56 13.87
N ASN A 171 25.96 4.64 14.47
CA ASN A 171 24.64 4.62 15.11
C ASN A 171 23.62 4.99 14.11
N GLU A 172 22.78 4.04 13.80
CA GLU A 172 21.94 4.15 12.61
C GLU A 172 20.61 3.50 12.87
N LEU A 173 19.56 4.09 12.32
CA LEU A 173 18.27 3.44 12.32
C LEU A 173 17.56 3.57 11.02
N PHE A 174 16.64 2.62 10.84
CA PHE A 174 15.81 2.53 9.68
C PHE A 174 14.35 2.36 10.10
N LEU A 175 13.48 3.16 9.48
CA LEU A 175 12.02 2.98 9.64
C LEU A 175 11.40 2.52 8.38
N ASP A 176 10.55 1.49 8.50
CA ASP A 176 9.71 0.97 7.41
C ASP A 176 8.26 1.24 7.77
N VAL A 177 7.57 2.04 6.96
CA VAL A 177 6.14 2.26 7.13
C VAL A 177 5.51 1.35 6.12
N LEU A 178 4.73 0.38 6.59
CA LEU A 178 4.24 -0.65 5.71
C LEU A 178 2.74 -0.62 5.84
N GLU A 179 2.06 -0.39 4.73
CA GLU A 179 0.64 -0.24 4.71
C GLU A 179 0.02 -1.04 3.64
N SER A 180 -1.13 -1.59 3.96
CA SER A 180 -1.90 -2.30 3.00
C SER A 180 -3.15 -1.48 2.83
N VAL A 181 -3.46 -1.11 1.57
CA VAL A 181 -4.64 -0.27 1.29
C VAL A 181 -5.81 -1.03 0.64
N ASN A 182 -6.99 -0.89 1.19
CA ASN A 182 -8.15 -1.71 0.81
C ASN A 182 -9.30 -0.87 0.32
N LEU A 183 -9.93 -1.31 -0.75
CA LEU A 183 -10.91 -0.53 -1.47
C LEU A 183 -12.00 -1.40 -2.08
N LEU A 184 -13.24 -0.95 -1.94
CA LEU A 184 -14.33 -1.51 -2.73
C LEU A 184 -15.03 -0.34 -3.42
N MET A 185 -15.02 -0.37 -4.75
CA MET A 185 -15.53 0.72 -5.56
C MET A 185 -16.73 0.25 -6.36
N SER A 186 -17.79 1.08 -6.38
CA SER A 186 -18.98 0.88 -7.23
C SER A 186 -18.69 1.04 -8.72
N PRO A 187 -19.62 0.55 -9.56
CA PRO A 187 -19.44 0.63 -11.02
C PRO A 187 -19.38 2.04 -11.55
N GLN A 188 -20.08 2.94 -10.85
CA GLN A 188 -20.17 4.37 -11.18
C GLN A 188 -19.25 5.15 -10.26
N GLY A 189 -17.96 4.78 -10.19
CA GLY A 189 -16.95 5.39 -9.25
C GLY A 189 -17.17 5.79 -7.77
N GLN A 190 -18.23 5.34 -7.07
CA GLN A 190 -18.39 5.69 -5.63
C GLN A 190 -17.48 4.80 -4.80
N VAL A 191 -16.98 5.35 -3.72
CA VAL A 191 -16.15 4.58 -2.81
C VAL A 191 -17.09 3.94 -1.82
N LEU A 192 -17.42 2.68 -2.01
CA LEU A 192 -18.23 1.91 -1.05
C LEU A 192 -17.57 1.62 0.30
N SER A 193 -16.28 1.29 0.28
CA SER A 193 -15.52 0.95 1.52
C SER A 193 -14.06 1.13 1.27
N ALA A 194 -13.37 1.67 2.24
CA ALA A 194 -11.92 1.77 2.14
C ALA A 194 -11.24 1.96 3.47
N HIS A 195 -10.14 1.28 3.67
CA HIS A 195 -9.38 1.50 4.89
C HIS A 195 -7.91 1.18 4.59
N VAL A 196 -7.03 1.64 5.44
CA VAL A 196 -5.63 1.22 5.46
C VAL A 196 -5.25 0.53 6.77
N SER A 197 -4.52 -0.58 6.71
CA SER A 197 -3.85 -1.14 7.93
C SER A 197 -2.37 -0.88 7.75
N GLY A 198 -1.72 -0.39 8.78
CA GLY A 198 -0.32 -0.10 8.72
C GLY A 198 0.49 -0.55 9.92
N ARG A 199 1.79 -0.72 9.70
CA ARG A 199 2.76 -0.96 10.75
C ARG A 199 3.91 -0.08 10.46
N VAL A 200 4.53 0.37 11.54
CA VAL A 200 5.87 0.93 11.49
C VAL A 200 6.83 -0.04 12.16
N VAL A 201 7.80 -0.53 11.40
CA VAL A 201 8.89 -1.36 11.94
C VAL A 201 10.15 -0.54 12.09
N MET A 202 10.81 -0.67 13.21
CA MET A 202 12.04 0.08 13.43
C MET A 202 13.21 -0.89 13.44
N LYS A 203 14.32 -0.49 12.82
CA LYS A 203 15.57 -1.24 12.95
C LYS A 203 16.61 -0.27 13.45
N SER A 204 17.02 -0.46 14.69
CA SER A 204 17.79 0.52 15.47
C SER A 204 19.12 -0.16 15.72
N TYR A 205 20.21 0.54 15.39
CA TYR A 205 21.54 0.12 15.78
C TYR A 205 22.15 1.32 16.51
N LEU A 206 21.71 1.47 17.76
CA LEU A 206 22.08 2.62 18.57
C LEU A 206 22.73 2.21 19.88
N SER A 207 23.50 3.14 20.41
CA SER A 207 24.42 2.87 21.50
C SER A 207 23.80 3.24 22.82
N GLY A 208 23.94 2.28 23.75
CA GLY A 208 23.47 2.45 25.12
C GLY A 208 21.97 2.22 25.27
N MET A 209 21.32 3.08 26.04
CA MET A 209 19.88 2.96 26.33
C MET A 209 19.24 4.31 25.98
N PRO A 210 18.81 4.48 24.73
CA PRO A 210 18.43 5.85 24.36
C PRO A 210 16.88 6.14 24.31
N GLU A 211 16.55 7.39 24.61
CA GLU A 211 15.21 7.90 24.64
C GLU A 211 14.86 8.33 23.24
N CYS A 212 14.11 7.47 22.56
CA CYS A 212 13.64 7.80 21.23
C CYS A 212 12.27 8.41 21.29
N LYS A 213 12.03 9.42 20.44
CA LYS A 213 10.74 10.09 20.29
C LYS A 213 10.33 10.11 18.80
N PHE A 214 9.27 9.38 18.46
CA PHE A 214 8.76 9.23 17.06
C PHE A 214 7.66 10.23 16.70
N GLY A 215 7.95 11.15 15.81
CA GLY A 215 7.00 12.12 15.35
C GLY A 215 6.51 11.90 13.93
N MET A 216 5.19 11.91 13.77
CA MET A 216 4.54 11.80 12.45
C MET A 216 3.55 12.91 12.25
N ASN A 217 2.93 12.94 11.08
CA ASN A 217 2.00 13.99 10.71
C ASN A 217 0.62 13.60 11.18
N ASP A 218 0.53 13.27 12.45
CA ASP A 218 -0.70 12.98 13.08
C ASP A 218 -1.38 14.33 13.19
N LYS A 219 -2.68 14.38 12.93
CA LYS A 219 -3.34 15.69 12.90
C LYS A 219 -3.67 16.26 14.31
N ILE A 220 -4.10 15.39 15.23
CA ILE A 220 -4.26 15.79 16.65
C ILE A 220 -2.92 16.40 17.17
N VAL A 221 -1.75 15.99 16.63
CA VAL A 221 -0.40 16.47 17.07
C VAL A 221 -0.32 17.20 18.41
N LYS A 249 0.31 22.26 6.19
CA LYS A 249 0.88 20.97 5.78
C LYS A 249 -0.25 19.88 5.67
N GLN A 250 0.01 18.76 4.95
CA GLN A 250 -0.79 17.49 5.04
C GLN A 250 -0.61 16.76 6.42
N SER A 251 -1.72 16.41 7.08
CA SER A 251 -1.76 15.88 8.47
C SER A 251 -2.90 14.85 8.49
N ILE A 252 -2.73 13.73 9.20
CA ILE A 252 -3.60 12.54 9.03
C ILE A 252 -4.20 11.92 10.30
N ALA A 253 -5.13 11.00 10.06
CA ALA A 253 -6.20 10.71 10.99
C ALA A 253 -6.21 9.26 11.36
N ILE A 254 -5.62 8.95 12.50
CA ILE A 254 -5.63 7.57 12.97
C ILE A 254 -6.91 7.20 13.70
N ASP A 255 -7.64 6.20 13.21
CA ASP A 255 -8.76 5.65 13.95
C ASP A 255 -8.32 4.96 15.22
N ASP A 256 -7.27 4.14 15.15
CA ASP A 256 -6.71 3.54 16.37
C ASP A 256 -5.45 2.80 16.07
N CYS A 257 -4.73 2.49 17.16
CA CYS A 257 -3.44 1.85 17.09
C CYS A 257 -2.97 1.27 18.42
N THR A 258 -2.41 0.07 18.36
CA THR A 258 -1.69 -0.50 19.45
C THR A 258 -0.16 -0.21 19.29
N PHE A 259 0.56 -0.19 20.41
CA PHE A 259 2.01 -0.01 20.45
C PHE A 259 2.74 -1.19 21.07
N HIS A 260 4.05 -1.13 20.95
CA HIS A 260 4.96 -2.12 21.48
C HIS A 260 5.19 -1.75 22.95
N GLN A 261 5.32 -2.78 23.79
CA GLN A 261 5.40 -2.49 25.23
C GLN A 261 6.31 -1.31 25.61
N CYS A 262 7.44 -1.19 24.93
CA CYS A 262 8.37 -0.12 25.20
C CYS A 262 7.78 1.27 25.10
N VAL A 263 6.53 1.44 24.65
CA VAL A 263 6.01 2.78 24.43
C VAL A 263 5.29 3.35 25.67
N ARG A 264 5.75 4.56 26.01
CA ARG A 264 5.22 5.31 27.15
C ARG A 264 3.93 5.97 26.74
N LEU A 265 2.81 5.45 27.29
CA LEU A 265 1.43 5.91 27.01
C LEU A 265 1.12 7.26 27.70
N SER A 266 1.14 8.29 26.89
CA SER A 266 0.84 9.62 27.32
C SER A 266 -0.29 10.15 26.35
N LYS A 267 -1.26 10.86 26.95
CA LYS A 267 -2.41 11.49 26.24
C LYS A 267 -2.58 12.91 26.77
N GLU A 271 -0.24 13.85 25.90
CA GLU A 271 0.24 14.74 24.85
C GLU A 271 0.32 14.09 23.48
N ARG A 272 0.08 12.75 23.41
CA ARG A 272 0.16 12.01 22.15
C ARG A 272 1.61 12.04 21.55
N SER A 273 2.59 11.86 22.42
CA SER A 273 3.99 11.79 22.04
C SER A 273 4.32 10.33 22.04
N ILE A 274 5.17 9.89 21.11
CA ILE A 274 5.53 8.47 21.15
C ILE A 274 6.96 8.32 21.72
N SER A 275 7.06 7.81 22.95
CA SER A 275 8.34 7.73 23.66
C SER A 275 8.63 6.32 24.06
N PHE A 276 9.90 5.98 23.90
CA PHE A 276 10.36 4.62 24.10
C PHE A 276 11.88 4.59 24.08
N ILE A 277 12.37 3.54 24.72
CA ILE A 277 13.71 3.06 24.60
C ILE A 277 13.54 1.78 23.81
N PRO A 278 14.05 1.79 22.58
CA PRO A 278 13.71 0.68 21.70
C PRO A 278 14.46 -0.56 22.01
N PRO A 279 13.92 -1.74 21.71
CA PRO A 279 14.78 -2.92 21.60
C PRO A 279 15.87 -2.74 20.55
N ASP A 280 16.90 -3.56 20.61
CA ASP A 280 17.95 -3.51 19.63
C ASP A 280 17.57 -4.30 18.37
N GLY A 281 18.04 -3.84 17.22
CA GLY A 281 17.67 -4.44 15.99
C GLY A 281 16.22 -4.07 15.69
N GLU A 282 15.56 -5.08 15.16
CA GLU A 282 14.32 -4.92 14.49
C GLU A 282 13.18 -5.18 15.42
N PHE A 283 12.19 -4.32 15.40
CA PHE A 283 10.92 -4.60 16.07
C PHE A 283 9.76 -3.77 15.50
N GLU A 284 8.54 -4.25 15.74
CA GLU A 284 7.33 -3.49 15.39
C GLU A 284 7.02 -2.43 16.43
N LEU A 285 7.02 -1.18 16.01
CA LEU A 285 6.86 -0.09 16.94
C LEU A 285 5.36 0.16 17.10
N MET A 286 4.61 0.28 16.00
CA MET A 286 3.17 0.44 16.10
C MET A 286 2.46 -0.17 14.97
N ARG A 287 1.19 -0.37 15.20
CA ARG A 287 0.26 -0.97 14.26
C ARG A 287 -0.92 0.04 14.21
N TYR A 288 -1.50 0.33 13.06
CA TYR A 288 -2.58 1.34 13.01
C TYR A 288 -3.63 1.15 11.92
N ARG A 289 -4.78 1.80 12.12
CA ARG A 289 -5.80 1.77 11.10
C ARG A 289 -6.29 3.18 10.76
N THR A 290 -6.65 3.36 9.50
CA THR A 290 -7.09 4.62 8.94
C THR A 290 -8.25 4.38 7.99
N THR A 291 -9.26 5.26 8.01
CA THR A 291 -10.42 5.17 7.09
C THR A 291 -10.71 6.42 6.28
N LYS A 292 -10.09 7.54 6.65
CA LYS A 292 -10.37 8.88 6.16
C LYS A 292 -9.24 9.44 5.35
N ASP A 293 -9.55 10.16 4.28
CA ASP A 293 -8.56 10.89 3.47
C ASP A 293 -7.43 10.03 2.87
N ILE A 294 -7.83 8.84 2.43
CA ILE A 294 -6.92 7.83 1.97
C ILE A 294 -6.58 8.15 0.54
N ILE A 295 -5.32 8.06 0.17
CA ILE A 295 -4.99 8.18 -1.22
C ILE A 295 -5.20 6.84 -1.93
N LEU A 296 -6.17 6.75 -2.82
CA LEU A 296 -6.34 5.57 -3.65
C LEU A 296 -5.41 5.67 -4.85
N PRO A 297 -4.30 4.90 -4.83
CA PRO A 297 -3.32 5.09 -5.85
C PRO A 297 -3.76 4.76 -7.19
N PHE A 298 -4.80 3.93 -7.34
CA PHE A 298 -5.24 3.55 -8.69
C PHE A 298 -6.72 3.66 -8.84
N ARG A 299 -7.12 4.14 -10.01
CA ARG A 299 -8.50 4.19 -10.39
C ARG A 299 -8.66 3.20 -11.51
N VAL A 300 -9.69 2.36 -11.43
CA VAL A 300 -9.98 1.39 -12.49
C VAL A 300 -11.31 1.74 -13.17
N ILE A 301 -11.29 1.93 -14.49
CA ILE A 301 -12.51 2.24 -15.23
C ILE A 301 -12.81 1.14 -16.22
N PRO A 302 -13.80 0.35 -15.90
CA PRO A 302 -14.21 -0.75 -16.76
C PRO A 302 -15.32 -0.37 -17.74
N LEU A 303 -15.36 -1.02 -18.89
CA LEU A 303 -16.39 -0.87 -19.89
C LEU A 303 -16.64 -2.21 -20.56
N VAL A 304 -17.90 -2.61 -20.61
CA VAL A 304 -18.32 -3.93 -21.09
C VAL A 304 -19.44 -3.80 -22.12
N ARG A 305 -19.35 -4.55 -23.20
CA ARG A 305 -20.30 -4.51 -24.28
C ARG A 305 -20.60 -5.95 -24.69
N GLU A 306 -21.90 -6.26 -24.72
CA GLU A 306 -22.35 -7.55 -25.18
C GLU A 306 -22.56 -7.49 -26.66
N VAL A 307 -22.10 -8.51 -27.35
CA VAL A 307 -22.18 -8.61 -28.80
C VAL A 307 -23.02 -9.87 -29.11
N GLY A 308 -24.32 -9.62 -29.31
CA GLY A 308 -25.27 -10.69 -29.45
C GLY A 308 -25.16 -11.53 -28.20
N ARG A 309 -24.92 -12.81 -28.40
CA ARG A 309 -24.66 -13.67 -27.27
C ARG A 309 -23.48 -14.59 -27.57
N THR A 310 -22.63 -14.12 -28.47
CA THR A 310 -21.49 -14.83 -28.95
C THR A 310 -20.13 -14.27 -28.37
N LYS A 311 -20.09 -12.97 -28.01
CA LYS A 311 -18.86 -12.39 -27.41
C LYS A 311 -19.07 -11.18 -26.49
N LEU A 312 -18.03 -10.89 -25.70
CA LEU A 312 -17.98 -9.66 -24.86
C LEU A 312 -16.81 -8.79 -25.19
N GLU A 313 -17.08 -7.50 -25.33
CA GLU A 313 -16.05 -6.52 -25.64
C GLU A 313 -15.71 -5.87 -24.29
N VAL A 314 -14.44 -5.88 -23.90
CA VAL A 314 -14.08 -5.33 -22.60
C VAL A 314 -12.92 -4.40 -22.73
N LYS A 315 -13.07 -3.24 -22.12
CA LYS A 315 -12.00 -2.27 -22.07
C LYS A 315 -11.79 -1.91 -20.63
N VAL A 316 -10.54 -1.87 -20.20
CA VAL A 316 -10.26 -1.46 -18.87
C VAL A 316 -9.15 -0.47 -18.91
N VAL A 317 -9.31 0.60 -18.14
CA VAL A 317 -8.34 1.70 -18.06
C VAL A 317 -7.94 1.85 -16.62
N ILE A 318 -6.65 1.96 -16.39
CA ILE A 318 -6.17 2.24 -15.06
C ILE A 318 -5.51 3.60 -15.03
N LYS A 319 -5.70 4.35 -13.95
CA LYS A 319 -5.10 5.67 -13.81
C LYS A 319 -4.25 5.72 -12.55
N SER A 320 -2.97 6.06 -12.67
CA SER A 320 -2.18 6.27 -11.48
C SER A 320 -2.43 7.61 -10.92
N ASN A 321 -2.76 7.65 -9.65
CA ASN A 321 -3.00 8.87 -8.96
C ASN A 321 -1.98 9.26 -7.83
N PHE A 322 -0.86 9.81 -8.26
CA PHE A 322 0.18 10.13 -7.29
C PHE A 322 1.36 10.85 -7.97
N LYS A 323 2.28 11.42 -7.20
CA LYS A 323 3.33 12.23 -7.76
C LYS A 323 3.92 11.54 -8.98
N PRO A 324 4.16 12.27 -10.09
CA PRO A 324 4.80 11.65 -11.28
C PRO A 324 6.20 11.18 -11.14
N SER A 325 6.90 11.67 -10.12
CA SER A 325 8.32 11.31 -9.84
C SER A 325 8.42 9.92 -9.20
N LEU A 326 7.27 9.41 -8.71
CA LEU A 326 7.12 8.11 -8.08
C LEU A 326 6.59 7.06 -9.06
N LEU A 327 7.20 5.89 -8.99
CA LEU A 327 6.79 4.70 -9.71
C LEU A 327 6.13 3.65 -8.82
N ALA A 328 5.00 3.15 -9.28
CA ALA A 328 4.46 1.91 -8.77
C ALA A 328 5.13 0.74 -9.45
N GLN A 329 5.19 -0.35 -8.72
CA GLN A 329 5.86 -1.58 -9.12
C GLN A 329 4.82 -2.67 -8.99
N LYS A 330 4.95 -3.72 -9.78
CA LYS A 330 4.29 -5.02 -9.50
C LYS A 330 2.78 -4.94 -9.61
N ILE A 331 2.33 -4.40 -10.73
CA ILE A 331 0.95 -4.06 -10.95
C ILE A 331 0.33 -5.21 -11.69
N GLU A 332 -0.76 -5.72 -11.13
CA GLU A 332 -1.50 -6.78 -11.75
C GLU A 332 -2.94 -6.36 -11.76
N VAL A 333 -3.62 -6.56 -12.87
CA VAL A 333 -5.05 -6.28 -12.95
C VAL A 333 -5.68 -7.56 -13.38
N ARG A 334 -6.67 -7.98 -12.66
CA ARG A 334 -7.21 -9.29 -12.87
C ARG A 334 -8.67 -9.08 -13.31
N ILE A 335 -8.99 -9.51 -14.53
CA ILE A 335 -10.33 -9.29 -15.10
C ILE A 335 -11.04 -10.62 -15.23
N PRO A 336 -12.12 -10.79 -14.50
CA PRO A 336 -12.72 -12.12 -14.48
C PRO A 336 -13.51 -12.36 -15.74
N THR A 337 -13.50 -13.60 -16.19
CA THR A 337 -14.25 -14.03 -17.37
C THR A 337 -15.33 -15.04 -16.95
N PRO A 338 -16.48 -15.05 -17.63
CA PRO A 338 -17.49 -16.10 -17.44
C PRO A 338 -17.01 -17.52 -17.74
N LEU A 339 -17.78 -18.47 -17.22
CA LEU A 339 -17.46 -19.89 -17.30
C LEU A 339 -17.65 -20.46 -18.69
N ASN A 340 -18.58 -19.86 -19.46
CA ASN A 340 -18.77 -20.24 -20.87
C ASN A 340 -17.79 -19.57 -21.88
N THR A 341 -16.50 -19.60 -21.60
CA THR A 341 -15.59 -18.77 -22.32
C THR A 341 -14.87 -19.72 -23.27
N SER A 342 -15.21 -19.64 -24.55
CA SER A 342 -14.49 -20.32 -25.61
C SER A 342 -13.03 -19.93 -25.67
N GLY A 343 -12.73 -18.66 -25.50
CA GLY A 343 -11.38 -18.17 -25.79
C GLY A 343 -11.33 -16.67 -25.59
N VAL A 344 -10.12 -16.14 -25.58
CA VAL A 344 -9.96 -14.70 -25.30
C VAL A 344 -8.90 -13.99 -26.15
N GLN A 345 -9.27 -12.82 -26.70
CA GLN A 345 -8.34 -11.98 -27.44
C GLN A 345 -8.02 -10.71 -26.65
N VAL A 346 -6.74 -10.41 -26.47
CA VAL A 346 -6.38 -9.17 -25.79
C VAL A 346 -5.29 -8.35 -26.48
N ILE A 347 -5.49 -7.04 -26.49
CA ILE A 347 -4.41 -6.12 -26.84
C ILE A 347 -4.14 -5.21 -25.66
N CYS A 348 -2.87 -5.07 -25.33
CA CYS A 348 -2.44 -3.95 -24.48
C CYS A 348 -1.06 -3.44 -24.88
N MET A 349 -0.93 -2.14 -24.85
CA MET A 349 0.30 -1.46 -25.26
C MET A 349 1.35 -1.55 -24.20
N LYS A 350 0.96 -1.40 -22.95
CA LYS A 350 1.86 -1.56 -21.81
C LYS A 350 1.57 -2.92 -21.31
N GLY A 351 2.58 -3.54 -20.73
CA GLY A 351 2.47 -4.82 -20.03
C GLY A 351 2.41 -6.07 -20.86
N LYS A 352 2.12 -7.19 -20.20
CA LYS A 352 1.85 -8.49 -20.81
C LYS A 352 0.56 -8.96 -20.18
N ALA A 353 -0.31 -9.59 -20.96
CA ALA A 353 -1.49 -10.22 -20.40
C ALA A 353 -1.75 -11.61 -20.96
N LYS A 354 -2.27 -12.50 -20.13
CA LYS A 354 -2.63 -13.89 -20.43
C LYS A 354 -4.06 -14.17 -19.95
N TYR A 355 -4.83 -14.96 -20.72
CA TYR A 355 -6.10 -15.55 -20.22
C TYR A 355 -5.67 -16.77 -19.48
N LYS A 356 -6.18 -16.95 -18.28
CA LYS A 356 -5.76 -18.05 -17.44
C LYS A 356 -7.07 -18.79 -17.18
N ALA A 357 -7.27 -19.89 -17.92
CA ALA A 357 -8.63 -20.48 -18.07
C ALA A 357 -9.15 -21.19 -16.83
N SER A 358 -8.21 -21.85 -16.16
CA SER A 358 -8.46 -22.53 -14.91
C SER A 358 -8.82 -21.55 -13.81
N GLU A 359 -8.22 -20.37 -13.84
CA GLU A 359 -8.57 -19.31 -12.91
C GLU A 359 -9.77 -18.48 -13.43
N ASN A 360 -10.26 -18.69 -14.65
CA ASN A 360 -11.34 -17.85 -15.19
C ASN A 360 -11.14 -16.33 -15.09
N ALA A 361 -9.97 -15.91 -15.53
CA ALA A 361 -9.56 -14.51 -15.50
C ALA A 361 -8.49 -14.16 -16.54
N ILE A 362 -8.54 -12.90 -17.01
CA ILE A 362 -7.43 -12.31 -17.73
C ILE A 362 -6.54 -11.57 -16.73
N VAL A 363 -5.24 -11.78 -16.87
CA VAL A 363 -4.30 -11.20 -15.96
C VAL A 363 -3.29 -10.38 -16.67
N TRP A 364 -3.31 -9.08 -16.36
CA TRP A 364 -2.49 -8.07 -17.03
C TRP A 364 -1.47 -7.69 -16.02
N LYS A 365 -0.21 -7.72 -16.40
CA LYS A 365 0.87 -7.41 -15.47
C LYS A 365 1.74 -6.32 -16.04
N ILE A 366 2.05 -5.33 -15.22
CA ILE A 366 2.87 -4.22 -15.59
C ILE A 366 4.01 -4.06 -14.59
N LYS A 367 5.27 -4.07 -15.06
CA LYS A 367 6.44 -3.97 -14.18
C LYS A 367 6.49 -2.67 -13.42
N ARG A 368 6.29 -1.54 -14.09
CA ARG A 368 6.51 -0.19 -13.54
C ARG A 368 5.44 0.73 -14.04
N MET A 369 5.06 1.73 -13.27
CA MET A 369 4.15 2.74 -13.83
C MET A 369 4.15 3.95 -12.95
N ALA A 370 4.28 5.12 -13.59
CA ALA A 370 4.45 6.39 -12.89
C ALA A 370 3.16 7.12 -12.63
N GLY A 371 3.26 8.07 -11.72
CA GLY A 371 2.12 8.80 -11.25
C GLY A 371 1.52 9.66 -12.33
N MET A 372 0.21 9.85 -12.24
CA MET A 372 -0.53 10.70 -13.14
C MET A 372 -0.40 10.17 -14.58
N LYS A 373 -0.67 8.88 -14.78
CA LYS A 373 -0.71 8.21 -16.10
C LYS A 373 -1.98 7.38 -16.32
N GLU A 374 -2.16 6.90 -17.54
CA GLU A 374 -3.33 6.11 -17.97
C GLU A 374 -2.80 4.91 -18.72
N SER A 375 -3.41 3.74 -18.58
CA SER A 375 -3.11 2.67 -19.53
C SER A 375 -4.35 1.94 -19.70
N GLN A 376 -4.47 1.30 -20.85
CA GLN A 376 -5.67 0.54 -21.09
C GLN A 376 -5.39 -0.79 -21.74
N ILE A 377 -6.36 -1.70 -21.51
CA ILE A 377 -6.35 -3.03 -22.07
C ILE A 377 -7.66 -3.22 -22.75
N SER A 378 -7.63 -3.85 -23.92
CA SER A 378 -8.84 -4.24 -24.63
C SER A 378 -8.83 -5.73 -24.69
N ALA A 379 -10.00 -6.32 -24.54
CA ALA A 379 -10.13 -7.76 -24.68
C ALA A 379 -11.44 -8.10 -25.29
N GLU A 380 -11.44 -9.17 -26.06
CA GLU A 380 -12.67 -9.66 -26.70
C GLU A 380 -12.82 -11.06 -26.21
N ILE A 381 -13.99 -11.36 -25.67
CA ILE A 381 -14.21 -12.63 -25.01
C ILE A 381 -15.19 -13.46 -25.80
N GLU A 382 -14.67 -14.55 -26.38
CA GLU A 382 -15.48 -15.46 -27.17
C GLU A 382 -16.27 -16.38 -26.22
N LEU A 383 -17.59 -16.34 -26.37
CA LEU A 383 -18.52 -17.14 -25.56
C LEU A 383 -19.01 -18.47 -26.22
N LEU A 384 -19.18 -19.50 -25.40
CA LEU A 384 -19.95 -20.72 -25.75
C LEU A 384 -21.39 -20.42 -25.43
N PRO A 385 -22.30 -21.20 -26.01
CA PRO A 385 -23.70 -20.98 -25.68
C PRO A 385 -23.99 -21.63 -24.33
N THR A 386 -25.09 -21.21 -23.73
CA THR A 386 -25.28 -21.50 -22.32
C THR A 386 -26.74 -21.28 -22.03
N ASN A 387 -27.14 -21.74 -20.87
CA ASN A 387 -28.52 -21.53 -20.47
C ASN A 387 -28.88 -20.03 -20.37
N ASP A 388 -29.44 -19.49 -21.46
CA ASP A 388 -29.88 -18.06 -21.57
C ASP A 388 -30.47 -17.46 -20.29
N LYS A 389 -31.20 -18.30 -19.53
CA LYS A 389 -31.91 -17.93 -18.28
C LYS A 389 -31.02 -17.50 -17.14
N LYS A 390 -30.16 -18.38 -16.61
CA LYS A 390 -29.12 -17.93 -15.65
C LYS A 390 -28.22 -16.80 -16.28
N LYS A 391 -28.22 -15.59 -15.70
CA LYS A 391 -27.35 -14.46 -16.13
C LYS A 391 -25.95 -14.55 -15.42
N TRP A 392 -24.94 -13.85 -15.96
CA TRP A 392 -23.61 -13.66 -15.29
C TRP A 392 -23.54 -12.61 -14.15
N ALA A 393 -23.21 -13.12 -12.95
CA ALA A 393 -22.85 -12.31 -11.79
C ALA A 393 -21.40 -11.82 -11.93
N ARG A 394 -21.20 -10.63 -12.54
CA ARG A 394 -19.86 -10.11 -12.88
C ARG A 394 -19.03 -9.82 -11.64
N PRO A 395 -18.07 -10.72 -11.26
CA PRO A 395 -17.25 -10.33 -10.10
C PRO A 395 -16.37 -9.06 -10.38
N PRO A 396 -15.78 -8.51 -9.33
CA PRO A 396 -15.07 -7.25 -9.51
C PRO A 396 -13.77 -7.44 -10.26
N ILE A 397 -13.22 -6.36 -10.73
CA ILE A 397 -11.89 -6.38 -11.25
C ILE A 397 -11.06 -6.00 -10.09
N SER A 398 -10.00 -6.76 -9.85
CA SER A 398 -9.12 -6.45 -8.73
C SER A 398 -7.73 -6.15 -9.22
N MET A 399 -7.00 -5.47 -8.38
CA MET A 399 -5.64 -5.04 -8.69
C MET A 399 -4.71 -5.46 -7.58
N ASN A 400 -3.44 -5.66 -7.95
CA ASN A 400 -2.39 -5.64 -6.97
C ASN A 400 -1.37 -4.67 -7.44
N PHE A 401 -0.76 -4.00 -6.48
CA PHE A 401 0.35 -3.09 -6.76
C PHE A 401 1.14 -2.89 -5.50
N GLU A 402 2.28 -2.27 -5.70
CA GLU A 402 3.11 -1.78 -4.62
C GLU A 402 3.52 -0.34 -4.96
N VAL A 403 3.49 0.55 -3.97
CA VAL A 403 3.82 1.97 -4.17
C VAL A 403 4.73 2.48 -3.10
N PRO A 404 5.60 3.40 -3.44
CA PRO A 404 6.59 3.88 -2.43
C PRO A 404 6.13 5.08 -1.63
N PHE A 405 4.90 5.04 -1.15
CA PHE A 405 4.39 6.02 -0.24
C PHE A 405 3.28 5.36 0.58
N ALA A 406 2.81 6.04 1.63
CA ALA A 406 1.77 5.54 2.52
C ALA A 406 0.46 6.09 2.08
N PRO A 407 -0.45 5.21 1.62
CA PRO A 407 -1.75 5.69 1.21
C PRO A 407 -2.56 6.39 2.29
N SER A 408 -2.27 6.13 3.56
CA SER A 408 -2.92 6.82 4.68
C SER A 408 -2.60 8.30 4.68
N GLY A 409 -1.45 8.64 4.15
CA GLY A 409 -1.00 9.99 4.10
C GLY A 409 0.09 10.23 5.08
N LEU A 410 0.41 9.19 5.85
CA LEU A 410 1.44 9.27 6.84
C LEU A 410 2.79 9.60 6.26
N LYS A 411 3.41 10.58 6.91
CA LYS A 411 4.76 11.02 6.70
C LYS A 411 5.44 11.03 8.05
N VAL A 412 6.72 10.70 8.08
CA VAL A 412 7.49 10.66 9.32
C VAL A 412 8.13 12.01 9.36
N ARG A 413 7.95 12.72 10.47
CA ARG A 413 8.49 14.08 10.62
C ARG A 413 9.86 14.00 11.31
N TYR A 414 9.99 13.19 12.35
CA TYR A 414 11.26 13.08 13.05
C TYR A 414 11.35 11.76 13.79
N LEU A 415 12.59 11.36 14.07
CA LEU A 415 12.84 10.34 15.09
C LEU A 415 14.00 10.82 15.91
N LYS A 416 13.76 11.16 17.17
CA LYS A 416 14.71 11.92 17.98
C LYS A 416 15.33 10.96 18.92
N VAL A 417 16.67 11.01 18.97
CA VAL A 417 17.44 10.13 19.85
C VAL A 417 18.24 10.96 20.84
N PHE A 418 18.07 10.64 22.14
CA PHE A 418 18.81 11.25 23.23
C PHE A 418 19.30 10.11 24.04
N GLU A 419 20.64 10.03 24.22
CA GLU A 419 21.25 9.11 25.17
C GLU A 419 22.08 10.00 26.10
N PRO A 420 21.65 9.99 27.37
CA PRO A 420 22.17 11.07 28.21
C PRO A 420 23.58 10.71 28.82
N LYS A 421 23.94 9.43 29.00
CA LYS A 421 25.29 9.05 29.45
C LYS A 421 26.32 9.29 28.34
N LEU A 422 26.12 8.60 27.22
CA LEU A 422 27.08 8.53 26.10
C LEU A 422 27.10 9.80 25.27
N ASN A 423 28.21 9.90 24.54
CA ASN A 423 28.66 11.17 23.97
C ASN A 423 28.38 11.28 22.49
N TYR A 424 27.15 10.97 22.14
CA TYR A 424 26.68 11.13 20.79
C TYR A 424 25.35 11.87 20.83
N SER A 425 25.24 12.95 20.05
CA SER A 425 24.01 13.69 19.97
C SER A 425 23.02 13.00 18.97
N ASP A 426 21.83 13.55 18.88
CA ASP A 426 20.84 13.19 17.91
C ASP A 426 21.40 13.33 16.48
N HIS A 427 22.10 14.43 16.17
CA HIS A 427 22.57 14.68 14.79
C HIS A 427 23.73 13.81 14.35
N ASP A 428 24.19 12.94 15.23
CA ASP A 428 25.21 11.96 14.91
C ASP A 428 24.61 10.68 14.41
N VAL A 429 23.29 10.54 14.54
CA VAL A 429 22.64 9.30 14.22
C VAL A 429 22.24 9.39 12.77
N ILE A 430 22.46 8.29 12.05
CA ILE A 430 22.09 8.25 10.68
C ILE A 430 20.69 7.66 10.61
N LYS A 431 19.81 8.41 9.97
CA LYS A 431 18.39 8.08 9.96
C LYS A 431 17.76 7.90 8.58
N TRP A 432 16.94 6.84 8.45
CA TRP A 432 16.38 6.43 7.17
C TRP A 432 14.94 6.08 7.29
N VAL A 433 14.16 6.42 6.29
CA VAL A 433 12.83 5.87 6.28
C VAL A 433 12.46 5.38 4.87
N ARG A 434 11.62 4.34 4.82
CA ARG A 434 10.99 3.98 3.58
C ARG A 434 9.56 3.62 3.75
N TYR A 435 8.83 3.83 2.66
CA TYR A 435 7.42 3.54 2.59
C TYR A 435 7.12 2.47 1.59
N ILE A 436 6.33 1.50 1.99
CA ILE A 436 5.89 0.43 1.10
C ILE A 436 4.42 0.21 1.31
N GLY A 437 3.66 0.71 0.33
CA GLY A 437 2.20 0.67 0.36
C GLY A 437 1.83 -0.44 -0.58
N ARG A 438 0.95 -1.33 -0.18
CA ARG A 438 0.57 -2.44 -1.07
C ARG A 438 -0.94 -2.58 -1.06
N SER A 439 -1.47 -3.04 -2.17
CA SER A 439 -2.88 -3.40 -2.18
C SER A 439 -3.23 -4.50 -1.18
N GLY A 440 -4.35 -4.36 -0.52
CA GLY A 440 -5.01 -5.49 0.10
C GLY A 440 -6.00 -5.97 -0.93
N ILE A 441 -7.24 -6.02 -0.46
CA ILE A 441 -8.41 -6.10 -1.30
C ILE A 441 -8.66 -4.77 -1.97
N TYR A 442 -8.67 -4.76 -3.27
CA TYR A 442 -8.71 -3.53 -4.07
C TYR A 442 -9.52 -3.83 -5.33
N GLU A 443 -10.82 -3.75 -5.17
CA GLU A 443 -11.81 -4.31 -6.06
C GLU A 443 -12.71 -3.22 -6.61
N THR A 444 -12.94 -3.29 -7.90
CA THR A 444 -13.78 -2.33 -8.55
C THR A 444 -14.86 -3.12 -9.26
N ARG A 445 -16.12 -2.76 -8.99
CA ARG A 445 -17.22 -3.56 -9.58
C ARG A 445 -17.47 -3.02 -10.96
N CYS A 446 -17.64 -3.94 -11.92
CA CYS A 446 -18.19 -3.57 -13.23
C CYS A 446 -19.69 -3.97 -13.36
N GLN B 1 15.38 3.91 -2.26
CA GLN B 1 14.12 3.43 -1.59
C GLN B 1 14.08 3.80 -0.08
N TYR B 2 15.08 3.46 0.75
CA TYR B 2 15.33 4.23 2.01
C TYR B 2 15.80 5.62 1.64
N LYS B 3 15.20 6.63 2.25
CA LYS B 3 15.59 8.04 2.07
C LYS B 3 15.92 8.59 3.46
N SER B 4 16.68 9.68 3.52
CA SER B 4 16.90 10.33 4.82
C SER B 4 15.68 10.99 5.38
N ILE B 5 15.56 10.95 6.70
CA ILE B 5 14.48 11.62 7.43
C ILE B 5 14.94 13.05 7.59
N LEU B 6 14.23 14.01 7.02
CA LEU B 6 14.81 15.36 6.96
C LEU B 6 14.22 16.19 8.09
#